data_5XJ5
#
_entry.id   5XJ5
#
_cell.length_a   57.675
_cell.length_b   83.437
_cell.length_c   107.588
_cell.angle_alpha   90.00
_cell.angle_beta   90.00
_cell.angle_gamma   90.00
#
_symmetry.space_group_name_H-M   'I 2 2 2'
#
loop_
_entity.id
_entity.type
_entity.pdbx_description
1 polymer 'Glycerol-3-phosphate acyltransferase'
2 non-polymer 'SULFATE ION'
3 non-polymer (2S)-2,3-DIHYDROXYPROPYL(7Z)-PENTADEC-7-ENOATE
4 non-polymer 'TRIETHYLENE GLYCOL'
5 non-polymer GLYCINE
6 water water
#
_entity_poly.entity_id   1
_entity_poly.type   'polypeptide(L)'
_entity_poly.pdbx_seq_one_letter_code
;(FME)GSALFLVIFAYLLGSITFGEVIAKLKGVDLRNVGSGNVGATNVTRALGKKYGVLVFFLDFLKGFIPALIAVKSFG
IDSWVLTFTGLASVLGHMYPVFFGFKGGKGVATALGVVFAVSPSVALFSFLVWLGIFLWKRYVSLASITATISAFLFLFV
AGYPVNVLFMAIVIGALIIYRHRENINRLLTGREHRFGTLEVLFQ
;
_entity_poly.pdbx_strand_id   A
#
# COMPACT_ATOMS: atom_id res chain seq x y z
N GLY A 2 -19.13 20.14 -4.01
CA GLY A 2 -19.30 19.48 -2.74
C GLY A 2 -19.03 17.99 -2.85
N SER A 3 -19.43 17.41 -3.99
CA SER A 3 -19.23 15.98 -4.19
C SER A 3 -17.75 15.63 -4.25
N ALA A 4 -16.91 16.53 -4.76
CA ALA A 4 -15.47 16.27 -4.76
C ALA A 4 -14.91 16.24 -3.34
N LEU A 5 -15.29 17.21 -2.52
CA LEU A 5 -14.85 17.20 -1.14
C LEU A 5 -15.33 15.96 -0.40
N PHE A 6 -16.59 15.57 -0.62
CA PHE A 6 -17.11 14.39 0.07
C PHE A 6 -16.39 13.12 -0.37
N LEU A 7 -16.04 13.01 -1.64
CA LEU A 7 -15.31 11.82 -2.10
C LEU A 7 -13.94 11.74 -1.45
N VAL A 8 -13.24 12.85 -1.33
CA VAL A 8 -11.91 12.86 -0.71
C VAL A 8 -12.01 12.50 0.77
N ILE A 9 -12.99 13.08 1.47
CA ILE A 9 -13.17 12.76 2.89
C ILE A 9 -13.52 11.29 3.05
N PHE A 10 -14.41 10.77 2.20
CA PHE A 10 -14.77 9.36 2.22
C PHE A 10 -13.54 8.47 2.04
N ALA A 11 -12.66 8.86 1.12
CA ALA A 11 -11.46 8.07 0.86
C ALA A 11 -10.56 8.03 2.10
N TYR A 12 -10.38 9.17 2.78
CA TYR A 12 -9.57 9.19 3.98
C TYR A 12 -10.18 8.30 5.08
N LEU A 13 -11.49 8.41 5.27
CA LEU A 13 -12.14 7.64 6.33
C LEU A 13 -12.10 6.15 6.03
N LEU A 14 -12.31 5.77 4.76
CA LEU A 14 -12.24 4.37 4.38
C LEU A 14 -10.82 3.86 4.51
N GLY A 15 -9.84 4.65 4.10
CA GLY A 15 -8.46 4.24 4.23
C GLY A 15 -8.04 4.07 5.67
N SER A 16 -8.66 4.83 6.59
CA SER A 16 -8.42 4.78 8.02
C SER A 16 -8.91 3.50 8.67
N ILE A 17 -9.59 2.63 7.92
CA ILE A 17 -9.93 1.31 8.44
C ILE A 17 -8.71 0.42 8.22
N THR A 18 -7.92 0.23 9.28
CA THR A 18 -6.69 -0.58 9.26
C THR A 18 -7.14 -2.04 9.35
N PHE A 19 -7.33 -2.69 8.18
CA PHE A 19 -7.94 -4.02 8.20
C PHE A 19 -7.06 -5.05 8.91
N GLY A 20 -5.74 -4.85 8.93
CA GLY A 20 -4.90 -5.75 9.70
C GLY A 20 -5.27 -5.72 11.17
N GLU A 21 -5.51 -4.52 11.71
CA GLU A 21 -5.93 -4.39 13.11
CA GLU A 21 -5.92 -4.43 13.11
C GLU A 21 -7.35 -4.89 13.30
N VAL A 22 -8.23 -4.66 12.32
CA VAL A 22 -9.60 -5.17 12.41
C VAL A 22 -9.59 -6.68 12.57
N ILE A 23 -8.90 -7.38 11.67
CA ILE A 23 -8.86 -8.84 11.71
C ILE A 23 -8.18 -9.33 12.98
N ALA A 24 -7.03 -8.73 13.32
CA ALA A 24 -6.32 -9.20 14.50
C ALA A 24 -7.15 -8.98 15.76
N LYS A 25 -7.84 -7.85 15.87
CA LYS A 25 -8.68 -7.59 17.03
C LYS A 25 -9.84 -8.56 17.12
N LEU A 26 -10.44 -8.90 15.98
CA LEU A 26 -11.47 -9.93 15.95
C LEU A 26 -10.94 -11.24 16.53
N LYS A 27 -9.63 -11.48 16.38
CA LYS A 27 -8.95 -12.68 16.85
C LYS A 27 -8.28 -12.48 18.20
N GLY A 28 -8.52 -11.36 18.88
CA GLY A 28 -7.89 -11.13 20.18
C GLY A 28 -6.39 -10.99 20.16
N VAL A 29 -5.83 -10.48 19.06
CA VAL A 29 -4.39 -10.29 18.92
C VAL A 29 -4.12 -8.82 18.71
N ASP A 30 -3.10 -8.32 19.40
CA ASP A 30 -2.61 -6.94 19.25
C ASP A 30 -1.49 -6.97 18.23
N LEU A 31 -1.81 -6.57 17.00
CA LEU A 31 -0.85 -6.67 15.90
C LEU A 31 0.40 -5.84 16.15
N ARG A 32 0.30 -4.76 16.95
CA ARG A 32 1.45 -3.92 17.28
C ARG A 32 2.44 -4.59 18.22
N ASN A 33 2.08 -5.71 18.83
CA ASN A 33 2.98 -6.36 19.77
C ASN A 33 3.26 -7.82 19.41
N VAL A 34 3.01 -8.20 18.15
CA VAL A 34 3.41 -9.49 17.61
C VAL A 34 4.23 -9.25 16.34
N GLY A 35 5.08 -10.23 16.03
CA GLY A 35 5.85 -10.13 14.80
C GLY A 35 6.71 -8.89 14.79
N SER A 36 6.63 -8.16 13.70
CA SER A 36 7.36 -6.90 13.57
C SER A 36 6.70 -5.75 14.34
N GLY A 37 5.43 -5.90 14.70
CA GLY A 37 4.67 -4.81 15.27
C GLY A 37 4.01 -3.90 14.26
N ASN A 38 4.17 -4.17 12.97
CA ASN A 38 3.49 -3.41 11.93
C ASN A 38 2.09 -3.98 11.67
N VAL A 39 1.25 -3.19 10.98
CA VAL A 39 -0.17 -3.47 10.91
C VAL A 39 -0.66 -3.78 9.50
N GLY A 40 0.25 -4.05 8.56
CA GLY A 40 -0.14 -4.40 7.22
C GLY A 40 -0.26 -5.90 6.99
N ALA A 41 -0.57 -6.26 5.75
CA ALA A 41 -0.79 -7.67 5.40
C ALA A 41 0.45 -8.53 5.68
N THR A 42 1.65 -7.96 5.54
CA THR A 42 2.86 -8.74 5.79
C THR A 42 2.90 -9.25 7.22
N ASN A 43 2.66 -8.37 8.20
CA ASN A 43 2.73 -8.82 9.58
C ASN A 43 1.54 -9.69 9.94
N VAL A 44 0.39 -9.50 9.28
CA VAL A 44 -0.71 -10.42 9.49
C VAL A 44 -0.33 -11.81 9.03
N THR A 45 0.29 -11.92 7.85
CA THR A 45 0.80 -13.21 7.38
C THR A 45 1.79 -13.80 8.37
N ARG A 46 2.71 -12.97 8.87
CA ARG A 46 3.76 -13.44 9.75
C ARG A 46 3.20 -13.97 11.06
N ALA A 47 2.16 -13.33 11.60
CA ALA A 47 1.65 -13.64 12.94
C ALA A 47 0.48 -14.63 12.92
N LEU A 48 -0.45 -14.47 11.98
CA LEU A 48 -1.67 -15.27 11.96
C LEU A 48 -1.73 -16.28 10.84
N GLY A 49 -1.06 -16.03 9.72
CA GLY A 49 -1.03 -16.99 8.64
C GLY A 49 -1.36 -16.39 7.28
N LYS A 50 -0.89 -17.05 6.23
CA LYS A 50 -1.04 -16.51 4.87
C LYS A 50 -2.50 -16.26 4.51
N LYS A 51 -3.41 -17.11 4.95
CA LYS A 51 -4.81 -16.91 4.56
C LYS A 51 -5.38 -15.63 5.15
N TYR A 52 -5.00 -15.30 6.39
CA TYR A 52 -5.45 -14.04 6.98
C TYR A 52 -4.78 -12.87 6.30
N GLY A 53 -3.50 -13.04 5.93
CA GLY A 53 -2.78 -11.96 5.26
C GLY A 53 -3.33 -11.66 3.88
N VAL A 54 -3.74 -12.69 3.13
CA VAL A 54 -4.36 -12.45 1.83
C VAL A 54 -5.65 -11.66 1.98
N LEU A 55 -6.46 -12.00 2.99
CA LEU A 55 -7.69 -11.27 3.22
C LEU A 55 -7.40 -9.80 3.52
N VAL A 56 -6.44 -9.54 4.42
CA VAL A 56 -6.12 -8.17 4.78
C VAL A 56 -5.58 -7.40 3.58
N PHE A 57 -4.71 -8.05 2.79
CA PHE A 57 -4.21 -7.39 1.59
C PHE A 57 -5.36 -6.99 0.67
N PHE A 58 -6.30 -7.90 0.44
CA PHE A 58 -7.42 -7.60 -0.46
C PHE A 58 -8.26 -6.45 0.08
N LEU A 59 -8.55 -6.45 1.37
CA LEU A 59 -9.37 -5.39 1.94
C LEU A 59 -8.64 -4.05 1.90
N ASP A 60 -7.35 -4.03 2.20
CA ASP A 60 -6.59 -2.77 2.15
C ASP A 60 -6.43 -2.30 0.70
N PHE A 61 -6.33 -3.23 -0.25
CA PHE A 61 -6.32 -2.87 -1.66
C PHE A 61 -7.66 -2.23 -2.07
N LEU A 62 -8.77 -2.80 -1.61
CA LEU A 62 -10.08 -2.26 -2.00
C LEU A 62 -10.32 -0.86 -1.47
N LYS A 63 -9.73 -0.53 -0.30
CA LYS A 63 -9.81 0.82 0.25
C LYS A 63 -9.29 1.86 -0.71
N GLY A 64 -8.26 1.52 -1.48
CA GLY A 64 -7.69 2.44 -2.44
C GLY A 64 -8.40 2.37 -3.77
N PHE A 65 -8.80 1.15 -4.16
CA PHE A 65 -9.42 0.95 -5.46
C PHE A 65 -10.78 1.63 -5.56
N ILE A 66 -11.63 1.44 -4.55
CA ILE A 66 -13.02 1.90 -4.65
C ILE A 66 -13.15 3.41 -4.80
N PRO A 67 -12.59 4.23 -3.92
CA PRO A 67 -12.72 5.68 -4.12
C PRO A 67 -12.06 6.18 -5.38
N ALA A 68 -10.89 5.63 -5.72
CA ALA A 68 -10.22 6.07 -6.94
C ALA A 68 -11.04 5.71 -8.19
N LEU A 69 -11.68 4.53 -8.17
CA LEU A 69 -12.55 4.17 -9.29
C LEU A 69 -13.70 5.16 -9.43
N ILE A 70 -14.33 5.52 -8.31
CA ILE A 70 -15.39 6.53 -8.33
C ILE A 70 -14.87 7.84 -8.88
N ALA A 71 -13.68 8.27 -8.43
CA ALA A 71 -13.10 9.52 -8.93
C ALA A 71 -12.90 9.47 -10.44
N VAL A 72 -12.30 8.40 -10.94
CA VAL A 72 -12.04 8.29 -12.38
C VAL A 72 -13.32 8.34 -13.19
N LYS A 73 -14.34 7.60 -12.75
CA LYS A 73 -15.58 7.51 -13.52
C LYS A 73 -16.39 8.80 -13.44
N SER A 74 -16.38 9.45 -12.28
CA SER A 74 -17.16 10.66 -12.05
C SER A 74 -16.47 11.92 -12.55
N PHE A 75 -15.15 12.04 -12.36
CA PHE A 75 -14.46 13.28 -12.68
C PHE A 75 -13.46 13.18 -13.82
N GLY A 76 -13.04 11.98 -14.20
CA GLY A 76 -12.10 11.82 -15.29
C GLY A 76 -10.68 11.60 -14.82
N ILE A 77 -9.90 10.89 -15.65
CA ILE A 77 -8.51 10.57 -15.35
C ILE A 77 -7.66 11.81 -15.16
N ASP A 78 -8.03 12.91 -15.82
CA ASP A 78 -7.28 14.16 -15.76
C ASP A 78 -7.64 15.03 -14.57
N SER A 79 -8.60 14.62 -13.74
CA SER A 79 -9.09 15.49 -12.68
C SER A 79 -8.19 15.43 -11.46
N TRP A 80 -7.89 16.60 -10.89
CA TRP A 80 -7.19 16.63 -9.60
C TRP A 80 -8.05 16.08 -8.46
N VAL A 81 -9.35 15.87 -8.68
CA VAL A 81 -10.15 15.15 -7.70
C VAL A 81 -9.61 13.75 -7.50
N LEU A 82 -9.19 13.11 -8.59
CA LEU A 82 -8.58 11.78 -8.47
C LEU A 82 -7.29 11.86 -7.67
N THR A 83 -6.48 12.87 -7.93
CA THR A 83 -5.22 13.07 -7.22
C THR A 83 -5.43 13.06 -5.72
N PHE A 84 -6.39 13.85 -5.23
CA PHE A 84 -6.59 13.97 -3.80
C PHE A 84 -7.38 12.80 -3.22
N THR A 85 -8.19 12.12 -4.03
CA THR A 85 -8.84 10.90 -3.56
C THR A 85 -7.82 9.79 -3.32
N GLY A 86 -6.94 9.56 -4.29
CA GLY A 86 -5.88 8.56 -4.10
C GLY A 86 -4.98 8.89 -2.93
N LEU A 87 -4.55 10.15 -2.81
CA LEU A 87 -3.72 10.55 -1.69
C LEU A 87 -4.46 10.33 -0.37
N ALA A 88 -5.75 10.66 -0.33
CA ALA A 88 -6.51 10.53 0.91
C ALA A 88 -6.63 9.07 1.35
N SER A 89 -6.81 8.15 0.39
CA SER A 89 -6.88 6.73 0.74
C SER A 89 -5.58 6.27 1.36
N VAL A 90 -4.46 6.62 0.73
CA VAL A 90 -3.16 6.17 1.22
C VAL A 90 -2.83 6.82 2.55
N LEU A 91 -3.13 8.12 2.70
CA LEU A 91 -2.86 8.81 3.95
C LEU A 91 -3.74 8.28 5.08
N GLY A 92 -4.98 7.88 4.76
CA GLY A 92 -5.80 7.21 5.76
C GLY A 92 -5.21 5.89 6.21
N HIS A 93 -4.67 5.12 5.25
CA HIS A 93 -4.05 3.85 5.64
C HIS A 93 -2.83 4.08 6.53
N MET A 94 -2.01 5.10 6.20
CA MET A 94 -0.80 5.35 6.97
C MET A 94 -1.10 6.03 8.31
N TYR A 95 -2.11 6.90 8.33
CA TYR A 95 -2.45 7.70 9.51
C TYR A 95 -3.95 7.59 9.79
N PRO A 96 -4.39 6.42 10.27
CA PRO A 96 -5.83 6.12 10.38
C PRO A 96 -6.46 6.82 11.56
N VAL A 97 -7.50 7.62 11.31
CA VAL A 97 -8.16 8.31 12.41
C VAL A 97 -8.76 7.33 13.42
N PHE A 98 -9.13 6.13 12.97
CA PHE A 98 -9.76 5.12 13.81
C PHE A 98 -8.77 4.30 14.64
N PHE A 99 -7.47 4.37 14.33
CA PHE A 99 -6.46 3.53 14.98
C PHE A 99 -5.27 4.37 15.41
N GLY A 100 -5.55 5.49 16.09
CA GLY A 100 -4.52 6.30 16.71
C GLY A 100 -3.53 6.93 15.76
N PHE A 101 -3.90 7.06 14.49
CA PHE A 101 -3.03 7.60 13.45
C PHE A 101 -1.76 6.79 13.27
N LYS A 102 -1.76 5.52 13.70
CA LYS A 102 -0.62 4.63 13.57
C LYS A 102 -1.00 3.52 12.59
N GLY A 103 -0.65 3.72 11.33
CA GLY A 103 -1.08 2.81 10.30
C GLY A 103 0.06 2.07 9.64
N GLY A 104 -0.18 1.67 8.38
CA GLY A 104 0.72 0.80 7.66
C GLY A 104 1.64 1.56 6.71
N LYS A 105 2.28 0.79 5.84
CA LYS A 105 3.24 1.36 4.89
C LYS A 105 2.59 1.83 3.59
N GLY A 106 1.37 1.37 3.27
CA GLY A 106 0.61 1.94 2.16
C GLY A 106 0.65 1.15 0.86
N VAL A 107 1.34 0.02 0.83
CA VAL A 107 1.58 -0.67 -0.44
C VAL A 107 0.28 -1.23 -1.03
N ALA A 108 -0.50 -1.95 -0.23
CA ALA A 108 -1.74 -2.54 -0.75
C ALA A 108 -2.72 -1.48 -1.22
N THR A 109 -2.91 -0.43 -0.42
CA THR A 109 -3.86 0.61 -0.78
C THR A 109 -3.38 1.38 -1.99
N ALA A 110 -2.07 1.68 -2.05
CA ALA A 110 -1.54 2.36 -3.23
C ALA A 110 -1.73 1.52 -4.50
N LEU A 111 -1.52 0.19 -4.41
CA LEU A 111 -1.79 -0.66 -5.57
C LEU A 111 -3.23 -0.58 -6.00
N GLY A 112 -4.17 -0.49 -5.03
CA GLY A 112 -5.56 -0.33 -5.36
C GLY A 112 -5.83 0.97 -6.12
N VAL A 113 -5.21 2.07 -5.66
CA VAL A 113 -5.34 3.32 -6.40
C VAL A 113 -4.83 3.16 -7.82
N VAL A 114 -3.64 2.56 -7.98
CA VAL A 114 -3.05 2.41 -9.31
C VAL A 114 -3.95 1.55 -10.18
N PHE A 115 -4.54 0.49 -9.61
CA PHE A 115 -5.39 -0.41 -10.39
C PHE A 115 -6.60 0.33 -10.96
N ALA A 116 -7.18 1.25 -10.17
CA ALA A 116 -8.28 2.06 -10.69
C ALA A 116 -7.84 2.96 -11.84
N VAL A 117 -6.60 3.44 -11.81
CA VAL A 117 -6.07 4.27 -12.89
C VAL A 117 -5.72 3.41 -14.10
N SER A 118 -5.01 2.31 -13.85
CA SER A 118 -4.49 1.48 -14.93
C SER A 118 -4.29 0.05 -14.41
N PRO A 119 -5.23 -0.85 -14.68
CA PRO A 119 -5.00 -2.26 -14.31
C PRO A 119 -3.70 -2.83 -14.86
N SER A 120 -3.31 -2.46 -16.08
CA SER A 120 -2.07 -3.00 -16.62
CA SER A 120 -2.07 -2.97 -16.64
C SER A 120 -0.86 -2.50 -15.83
N VAL A 121 -0.81 -1.21 -15.51
CA VAL A 121 0.31 -0.70 -14.71
C VAL A 121 0.34 -1.38 -13.34
N ALA A 122 -0.84 -1.58 -12.73
CA ALA A 122 -0.88 -2.30 -11.46
C ALA A 122 -0.31 -3.70 -11.61
N LEU A 123 -0.70 -4.40 -12.68
CA LEU A 123 -0.17 -5.74 -12.91
C LEU A 123 1.34 -5.73 -13.08
N PHE A 124 1.86 -4.80 -13.91
CA PHE A 124 3.30 -4.73 -14.13
C PHE A 124 4.05 -4.46 -12.82
N SER A 125 3.49 -3.59 -11.98
CA SER A 125 4.12 -3.28 -10.70
C SER A 125 4.09 -4.47 -9.76
N PHE A 126 2.98 -5.22 -9.75
CA PHE A 126 2.95 -6.46 -9.00
C PHE A 126 3.99 -7.44 -9.51
N LEU A 127 4.16 -7.54 -10.84
CA LEU A 127 5.15 -8.49 -11.36
C LEU A 127 6.56 -8.12 -10.91
N VAL A 128 6.88 -6.84 -10.92
CA VAL A 128 8.16 -6.38 -10.38
C VAL A 128 8.28 -6.80 -8.92
N TRP A 129 7.23 -6.55 -8.14
CA TRP A 129 7.26 -6.90 -6.72
C TRP A 129 7.53 -8.40 -6.53
N LEU A 130 6.78 -9.23 -7.23
CA LEU A 130 6.92 -10.67 -7.04
C LEU A 130 8.31 -11.14 -7.49
N GLY A 131 8.79 -10.61 -8.61
CA GLY A 131 10.12 -10.98 -9.07
C GLY A 131 11.20 -10.63 -8.08
N ILE A 132 11.18 -9.39 -7.57
CA ILE A 132 12.17 -8.97 -6.59
C ILE A 132 12.02 -9.76 -5.29
N PHE A 133 10.78 -10.02 -4.87
CA PHE A 133 10.59 -10.80 -3.66
C PHE A 133 11.14 -12.21 -3.81
N LEU A 134 10.82 -12.89 -4.91
CA LEU A 134 11.33 -14.25 -5.07
C LEU A 134 12.84 -14.26 -5.27
N TRP A 135 13.40 -13.17 -5.80
CA TRP A 135 14.84 -13.05 -6.04
C TRP A 135 15.62 -13.09 -4.72
N LYS A 136 15.19 -12.32 -3.73
CA LYS A 136 15.97 -12.16 -2.51
C LYS A 136 15.19 -12.36 -1.21
N ARG A 137 13.87 -12.47 -1.27
CA ARG A 137 13.00 -12.73 -0.13
C ARG A 137 12.95 -11.59 0.90
N TYR A 138 13.29 -10.37 0.49
CA TYR A 138 13.07 -9.19 1.32
C TYR A 138 11.79 -8.52 0.85
N VAL A 139 10.77 -8.51 1.72
CA VAL A 139 9.54 -7.82 1.41
C VAL A 139 9.79 -6.35 1.14
N SER A 140 10.63 -5.70 1.96
CA SER A 140 10.84 -4.27 1.81
C SER A 140 11.51 -3.92 0.48
N LEU A 141 12.53 -4.69 0.08
CA LEU A 141 13.20 -4.42 -1.19
C LEU A 141 12.22 -4.55 -2.35
N ALA A 142 11.34 -5.54 -2.27
CA ALA A 142 10.33 -5.71 -3.32
C ALA A 142 9.38 -4.51 -3.37
N SER A 143 8.90 -4.08 -2.21
CA SER A 143 7.96 -2.96 -2.17
C SER A 143 8.58 -1.66 -2.65
N ILE A 144 9.81 -1.37 -2.21
CA ILE A 144 10.49 -0.13 -2.65
C ILE A 144 10.71 -0.16 -4.16
N THR A 145 11.23 -1.28 -4.67
CA THR A 145 11.51 -1.38 -6.10
C THR A 145 10.24 -1.28 -6.93
N ALA A 146 9.17 -1.95 -6.50
CA ALA A 146 7.91 -1.92 -7.24
C ALA A 146 7.24 -0.55 -7.17
N THR A 147 7.40 0.16 -6.05
CA THR A 147 6.84 1.51 -5.95
C THR A 147 7.53 2.44 -6.93
N ILE A 148 8.86 2.40 -6.98
CA ILE A 148 9.58 3.23 -7.95
C ILE A 148 9.18 2.84 -9.36
N SER A 149 9.08 1.53 -9.63
CA SER A 149 8.72 1.08 -10.96
CA SER A 149 8.71 1.08 -10.96
C SER A 149 7.34 1.56 -11.35
N ALA A 150 6.39 1.54 -10.41
CA ALA A 150 5.02 1.99 -10.70
C ALA A 150 5.01 3.43 -11.18
N PHE A 151 5.76 4.31 -10.51
CA PHE A 151 5.84 5.69 -10.97
C PHE A 151 6.44 5.77 -12.37
N LEU A 152 7.53 5.03 -12.60
CA LEU A 152 8.18 5.07 -13.92
C LEU A 152 7.25 4.57 -15.00
N PHE A 153 6.45 3.55 -14.70
CA PHE A 153 5.49 3.02 -15.66
C PHE A 153 4.43 4.04 -16.02
N LEU A 154 3.87 4.74 -15.02
CA LEU A 154 2.86 5.76 -15.29
C LEU A 154 3.46 6.91 -16.07
N PHE A 155 4.72 7.23 -15.79
CA PHE A 155 5.41 8.32 -16.49
C PHE A 155 5.65 7.96 -17.95
N VAL A 156 6.21 6.78 -18.22
CA VAL A 156 6.50 6.46 -19.61
C VAL A 156 5.24 6.18 -20.42
N ALA A 157 4.16 5.77 -19.77
CA ALA A 157 2.87 5.54 -20.43
C ALA A 157 2.16 6.84 -20.77
N GLY A 158 2.66 7.98 -20.30
CA GLY A 158 2.06 9.25 -20.66
C GLY A 158 0.87 9.68 -19.82
N TYR A 159 0.75 9.20 -18.59
CA TYR A 159 -0.36 9.65 -17.77
C TYR A 159 -0.19 11.15 -17.43
N PRO A 160 -1.29 11.85 -17.20
CA PRO A 160 -1.23 13.31 -17.08
C PRO A 160 -0.65 13.76 -15.74
N VAL A 161 -0.39 15.07 -15.64
CA VAL A 161 0.35 15.60 -14.50
C VAL A 161 -0.38 15.37 -13.18
N ASN A 162 -1.71 15.40 -13.18
CA ASN A 162 -2.43 15.15 -11.92
C ASN A 162 -2.16 13.75 -11.42
N VAL A 163 -2.06 12.79 -12.33
CA VAL A 163 -1.76 11.40 -11.94
C VAL A 163 -0.30 11.27 -11.50
N LEU A 164 0.62 11.94 -12.20
CA LEU A 164 2.02 11.84 -11.85
C LEU A 164 2.30 12.49 -10.52
N PHE A 165 1.62 13.61 -10.21
CA PHE A 165 1.76 14.22 -8.90
C PHE A 165 1.27 13.28 -7.80
N MET A 166 0.09 12.70 -8.02
CA MET A 166 -0.44 11.73 -7.06
C MET A 166 0.56 10.60 -6.83
N ALA A 167 1.13 10.09 -7.92
CA ALA A 167 2.00 8.92 -7.81
C ALA A 167 3.33 9.26 -7.16
N ILE A 168 3.92 10.42 -7.48
CA ILE A 168 5.20 10.74 -6.88
C ILE A 168 5.05 11.00 -5.39
N VAL A 169 3.93 11.60 -4.97
CA VAL A 169 3.76 11.85 -3.55
C VAL A 169 3.45 10.55 -2.80
N ILE A 170 2.55 9.73 -3.35
CA ILE A 170 2.28 8.42 -2.75
C ILE A 170 3.57 7.62 -2.67
N GLY A 171 4.33 7.58 -3.76
CA GLY A 171 5.54 6.78 -3.78
C GLY A 171 6.58 7.28 -2.79
N ALA A 172 6.75 8.59 -2.70
CA ALA A 172 7.69 9.14 -1.73
C ALA A 172 7.27 8.81 -0.31
N LEU A 173 5.96 8.89 -0.01
CA LEU A 173 5.49 8.54 1.32
C LEU A 173 5.74 7.07 1.62
N ILE A 174 5.49 6.18 0.65
CA ILE A 174 5.74 4.75 0.87
C ILE A 174 7.20 4.52 1.20
N ILE A 175 8.10 5.15 0.44
CA ILE A 175 9.53 4.96 0.67
C ILE A 175 9.92 5.49 2.04
N TYR A 176 9.37 6.65 2.42
CA TYR A 176 9.58 7.21 3.76
C TYR A 176 9.11 6.25 4.84
N ARG A 177 7.94 5.61 4.63
CA ARG A 177 7.48 4.61 5.61
C ARG A 177 8.37 3.38 5.69
N HIS A 178 9.26 3.18 4.72
CA HIS A 178 10.21 2.07 4.70
C HIS A 178 11.61 2.51 5.12
N ARG A 179 11.75 3.69 5.73
CA ARG A 179 13.09 4.25 5.95
C ARG A 179 13.92 3.37 6.86
N GLU A 180 13.29 2.76 7.86
CA GLU A 180 14.00 1.82 8.73
C GLU A 180 14.39 0.54 8.00
N ASN A 181 13.55 0.07 7.07
CA ASN A 181 13.95 -1.08 6.26
C ASN A 181 15.13 -0.74 5.38
N ILE A 182 15.16 0.47 4.84
CA ILE A 182 16.28 0.88 4.00
C ILE A 182 17.56 0.92 4.81
N ASN A 183 17.49 1.46 6.04
CA ASN A 183 18.67 1.45 6.91
CA ASN A 183 18.67 1.45 6.91
C ASN A 183 19.18 0.02 7.12
N ARG A 184 18.27 -0.93 7.38
CA ARG A 184 18.69 -2.31 7.58
C ARG A 184 19.23 -2.93 6.30
N LEU A 185 18.62 -2.60 5.15
CA LEU A 185 19.11 -3.17 3.90
C LEU A 185 20.52 -2.70 3.58
N LEU A 186 20.80 -1.42 3.87
CA LEU A 186 22.12 -0.85 3.61
C LEU A 186 23.20 -1.40 4.52
N THR A 187 22.83 -1.89 5.70
CA THR A 187 23.79 -2.42 6.67
C THR A 187 23.74 -3.93 6.79
N GLY A 188 23.02 -4.61 5.91
CA GLY A 188 22.96 -6.06 5.96
C GLY A 188 22.18 -6.63 7.12
N ARG A 189 21.27 -5.86 7.71
CA ARG A 189 20.53 -6.28 8.88
C ARG A 189 19.04 -6.51 8.61
N GLU A 190 18.64 -6.63 7.34
CA GLU A 190 17.25 -6.90 7.02
C GLU A 190 17.03 -8.40 6.94
N HIS A 191 15.90 -8.85 7.49
CA HIS A 191 15.60 -10.27 7.56
C HIS A 191 14.84 -10.69 6.31
N ARG A 192 15.12 -11.89 5.84
CA ARG A 192 14.31 -12.48 4.79
CA ARG A 192 14.32 -12.50 4.78
C ARG A 192 13.02 -13.03 5.38
N PHE A 193 11.97 -13.06 4.57
CA PHE A 193 10.65 -13.44 5.04
C PHE A 193 10.43 -14.94 4.96
N GLY A 194 9.85 -15.51 6.03
CA GLY A 194 9.41 -16.89 6.01
C GLY A 194 9.69 -17.64 7.29
N THR A 195 9.07 -18.82 7.46
CA THR A 195 9.41 -19.66 8.59
C THR A 195 10.79 -20.30 8.36
N LEU A 196 11.35 -20.88 9.42
CA LEU A 196 12.67 -21.48 9.32
C LEU A 196 12.70 -22.63 8.31
N GLU A 197 11.59 -23.37 8.19
CA GLU A 197 11.55 -24.47 7.22
C GLU A 197 11.54 -23.94 5.79
N VAL A 198 10.83 -22.84 5.54
CA VAL A 198 10.82 -22.24 4.21
C VAL A 198 12.20 -21.66 3.87
N LEU A 199 12.82 -20.98 4.82
CA LEU A 199 14.13 -20.37 4.61
C LEU A 199 15.26 -21.39 4.80
#